data_6GX4
#
_entry.id   6GX4
#
_cell.length_a   114.270
_cell.length_b   114.270
_cell.length_c   234.140
_cell.angle_alpha   90.00
_cell.angle_beta   90.00
_cell.angle_gamma   120.00
#
_symmetry.space_group_name_H-M   'P 63 2 2'
#
loop_
_entity.id
_entity.type
_entity.pdbx_description
1 polymer 'Molybdenum storage protein subunit beta'
2 polymer 'Molybdenum storage protein subunit alpha'
3 non-polymer "ADENOSINE-5'-TRIPHOSPHATE"
4 non-polymer 'Mo5 Cluster'
5 non-polymer 'PHOSPHATE ION'
6 non-polymer 'MANGANESE (II) ION'
7 non-polymer 'Mo8 cluster'
8 non-polymer 'MOLYBDATE ION'
9 water water
#
loop_
_entity_poly.entity_id
_entity_poly.type
_entity_poly.pdbx_seq_one_letter_code
_entity_poly.pdbx_strand_id
1 'polypeptide(L)'
;ANSTAELEELLMQRSLTDPQLQAAAAAAADFRILPDATVIKIGGQSVIDRGRAAVYPLVDEIVAARKNHKLLIGTGAGTR
ARHLYSIAAGLGLPAGVLAQLGSSVADQNAAMLGQLLAKHGIPVVGGAGLSAVPLSLAEVNAVVFSGMPPYKLWMRPAAE
GVIPPYRTDAGCFLLAEQFGCKQMIFVKDEDGLYTANPKTSKDATFIPRISVDEMKAKGLHDSILEFPVLDLLQSAQHVR
EVQVVNGLVPGNLTRALAGEHVGTIITAS
;
B
2 'polypeptide(L)'
;TDTTNSIKHVISPLARQTLQDRDLTRPVAGKRPIRLLPWLQVVKIGGRVMDRGADAILPLVEELRKLLPEHRLLILTGAG
VRARHVFSVGLDLGLPVGSLAPLAASEAGQNGHILAAMLASEGVSYVEHPTVADQLAIHLSATRAVVGSAFPPYHHHEFP
GSRIPPHRADTGAFLLADAFGAAGLTIVENVDGIYTADPNGPDRGQARFLPETSATDLAKSEGPLPVDRALLDVMATARH
IERVQVVNGLVPGRLTAALRGEHVGTLIRTGVRPA
;
A
#
# COMPACT_ATOMS: atom_id res chain seq x y z
N ASN A 2 -20.40 -16.48 -16.00
CA ASN A 2 -20.23 -15.96 -14.65
C ASN A 2 -21.57 -15.49 -14.07
N SER A 3 -21.57 -15.29 -12.75
CA SER A 3 -22.74 -14.81 -12.02
C SER A 3 -22.28 -14.39 -10.63
N THR A 4 -23.15 -13.65 -9.94
CA THR A 4 -22.85 -13.27 -8.57
C THR A 4 -22.75 -14.48 -7.66
N ALA A 5 -23.65 -15.46 -7.86
CA ALA A 5 -23.58 -16.69 -7.08
C ALA A 5 -22.26 -17.42 -7.28
N GLU A 6 -21.79 -17.51 -8.53
CA GLU A 6 -20.54 -18.21 -8.79
C GLU A 6 -19.35 -17.45 -8.22
N LEU A 7 -19.36 -16.11 -8.29
CA LEU A 7 -18.31 -15.34 -7.64
C LEU A 7 -18.37 -15.52 -6.13
N GLU A 8 -19.56 -15.49 -5.54
CA GLU A 8 -19.65 -15.64 -4.09
C GLU A 8 -19.17 -17.01 -3.65
N GLU A 9 -19.47 -18.04 -4.45
CA GLU A 9 -19.00 -19.39 -4.13
C GLU A 9 -17.49 -19.44 -4.08
N LEU A 10 -16.83 -18.95 -5.13
CA LEU A 10 -15.37 -18.88 -5.13
C LEU A 10 -14.87 -18.07 -3.95
N LEU A 11 -15.51 -16.93 -3.67
CA LEU A 11 -15.06 -16.05 -2.59
C LEU A 11 -15.09 -16.76 -1.25
N MET A 12 -16.06 -17.66 -1.05
CA MET A 12 -16.14 -18.40 0.21
C MET A 12 -15.19 -19.58 0.25
N GLN A 13 -15.02 -20.28 -0.87
CA GLN A 13 -14.36 -21.58 -0.86
C GLN A 13 -12.88 -21.55 -1.21
N ARG A 14 -12.41 -20.58 -1.99
CA ARG A 14 -11.05 -20.60 -2.48
C ARG A 14 -10.19 -19.58 -1.75
N SER A 15 -8.89 -19.77 -1.81
CA SER A 15 -7.98 -18.71 -1.43
C SER A 15 -8.16 -17.52 -2.36
N LEU A 16 -7.93 -16.31 -1.83
CA LEU A 16 -7.98 -15.14 -2.69
C LEU A 16 -6.92 -15.19 -3.79
N THR A 17 -5.87 -16.00 -3.61
CA THR A 17 -4.83 -16.19 -4.62
C THR A 17 -5.30 -17.08 -5.77
N ASP A 18 -6.47 -17.67 -5.68
CA ASP A 18 -6.89 -18.65 -6.67
C ASP A 18 -7.17 -17.93 -7.98
N PRO A 19 -6.52 -18.30 -9.09
CA PRO A 19 -6.74 -17.57 -10.35
C PRO A 19 -8.19 -17.55 -10.79
N GLN A 20 -8.94 -18.61 -10.48
CA GLN A 20 -10.37 -18.65 -10.83
C GLN A 20 -11.15 -17.60 -10.05
N LEU A 21 -10.80 -17.41 -8.78
CA LEU A 21 -11.44 -16.37 -8.00
C LEU A 21 -11.05 -15.00 -8.54
N GLN A 22 -9.75 -14.79 -8.79
CA GLN A 22 -9.29 -13.53 -9.34
C GLN A 22 -10.00 -13.19 -10.65
N ALA A 23 -10.23 -14.20 -11.50
CA ALA A 23 -10.86 -13.93 -12.79
C ALA A 23 -12.33 -13.56 -12.63
N ALA A 24 -13.04 -14.21 -11.70
CA ALA A 24 -14.45 -13.87 -11.49
C ALA A 24 -14.59 -12.48 -10.89
N ALA A 25 -13.72 -12.11 -9.95
CA ALA A 25 -13.78 -10.77 -9.40
C ALA A 25 -13.52 -9.71 -10.47
N ALA A 26 -12.69 -10.04 -11.47
CA ALA A 26 -12.41 -9.09 -12.55
C ALA A 26 -13.63 -8.76 -13.39
N ALA A 27 -14.64 -9.63 -13.40
CA ALA A 27 -15.85 -9.39 -14.17
C ALA A 27 -16.87 -8.53 -13.43
N ALA A 28 -16.58 -8.13 -12.19
CA ALA A 28 -17.50 -7.29 -11.43
C ALA A 28 -17.71 -5.94 -12.10
N ALA A 29 -18.90 -5.37 -11.88
CA ALA A 29 -19.18 -4.02 -12.35
C ALA A 29 -18.16 -3.02 -11.81
N ASP A 30 -18.10 -1.87 -12.47
CA ASP A 30 -17.05 -0.89 -12.22
C ASP A 30 -17.69 0.46 -11.89
N PHE A 31 -17.71 0.83 -10.62
CA PHE A 31 -18.28 2.09 -10.18
C PHE A 31 -17.18 3.14 -10.01
N ARG A 32 -17.39 4.32 -10.61
CA ARG A 32 -16.49 5.45 -10.42
C ARG A 32 -17.06 6.34 -9.31
N ILE A 33 -16.27 6.55 -8.27
CA ILE A 33 -16.79 7.29 -7.11
C ILE A 33 -16.92 8.77 -7.40
N LEU A 34 -15.91 9.37 -8.04
CA LEU A 34 -15.91 10.80 -8.35
C LEU A 34 -15.57 10.98 -9.82
N PRO A 35 -16.46 10.55 -10.73
CA PRO A 35 -16.08 10.50 -12.14
C PRO A 35 -15.86 11.87 -12.77
N ASP A 36 -16.40 12.94 -12.20
CA ASP A 36 -16.32 14.27 -12.81
C ASP A 36 -15.17 15.10 -12.25
N ALA A 37 -14.36 14.53 -11.38
CA ALA A 37 -13.30 15.28 -10.73
C ALA A 37 -11.99 15.06 -11.46
N THR A 38 -11.11 16.06 -11.35
CA THR A 38 -9.75 15.98 -11.85
C THR A 38 -8.79 16.02 -10.66
N VAL A 39 -7.80 15.13 -10.65
CA VAL A 39 -6.74 15.20 -9.65
C VAL A 39 -5.56 15.96 -10.25
N ILE A 40 -5.06 16.93 -9.50
CA ILE A 40 -3.91 17.73 -9.89
C ILE A 40 -2.84 17.55 -8.82
N LYS A 41 -1.61 17.31 -9.22
CA LYS A 41 -0.49 17.33 -8.28
C LYS A 41 0.30 18.60 -8.48
N ILE A 42 0.45 19.38 -7.42
CA ILE A 42 1.32 20.56 -7.43
C ILE A 42 2.68 20.14 -6.87
N GLY A 43 3.72 20.20 -7.72
CA GLY A 43 5.03 19.70 -7.31
C GLY A 43 5.57 20.41 -6.10
N GLY A 44 6.28 19.66 -5.26
CA GLY A 44 6.95 20.26 -4.11
C GLY A 44 8.22 20.96 -4.55
N GLN A 45 9.20 20.18 -5.00
CA GLN A 45 10.44 20.78 -5.48
C GLN A 45 10.19 21.68 -6.68
N SER A 46 9.31 21.27 -7.57
CA SER A 46 9.17 21.98 -8.82
C SER A 46 8.31 23.23 -8.71
N VAL A 47 7.43 23.33 -7.70
CA VAL A 47 6.56 24.49 -7.64
C VAL A 47 6.59 25.14 -6.26
N ILE A 48 6.11 24.44 -5.23
CA ILE A 48 5.87 25.09 -3.95
C ILE A 48 7.17 25.58 -3.33
N ASP A 49 8.25 24.79 -3.42
CA ASP A 49 9.56 25.23 -2.93
C ASP A 49 10.03 26.53 -3.58
N ARG A 50 9.49 26.87 -4.75
CA ARG A 50 9.90 28.11 -5.43
C ARG A 50 9.20 29.34 -4.88
N GLY A 51 8.21 29.19 -3.99
CA GLY A 51 7.64 30.35 -3.36
C GLY A 51 6.63 31.10 -4.24
N ARG A 52 6.51 32.40 -3.93
CA ARG A 52 5.39 33.20 -4.40
CA ARG A 52 5.41 33.23 -4.40
C ARG A 52 5.31 33.24 -5.93
N ALA A 53 6.45 33.44 -6.60
CA ALA A 53 6.43 33.58 -8.06
C ALA A 53 5.79 32.38 -8.75
N ALA A 54 5.95 31.18 -8.19
CA ALA A 54 5.32 30.00 -8.77
C ALA A 54 3.94 29.72 -8.19
N VAL A 55 3.76 29.94 -6.89
CA VAL A 55 2.54 29.46 -6.24
C VAL A 55 1.39 30.42 -6.49
N TYR A 56 1.64 31.74 -6.41
CA TYR A 56 0.54 32.70 -6.53
C TYR A 56 -0.18 32.61 -7.89
N PRO A 57 0.51 32.51 -9.03
CA PRO A 57 -0.27 32.33 -10.28
C PRO A 57 -1.09 31.06 -10.28
N LEU A 58 -0.59 29.98 -9.67
CA LEU A 58 -1.34 28.72 -9.65
C LEU A 58 -2.55 28.83 -8.73
N VAL A 59 -2.42 29.55 -7.61
CA VAL A 59 -3.58 29.83 -6.78
C VAL A 59 -4.66 30.54 -7.60
N ASP A 60 -4.27 31.55 -8.38
CA ASP A 60 -5.23 32.26 -9.23
C ASP A 60 -5.89 31.32 -10.22
N GLU A 61 -5.12 30.40 -10.81
CA GLU A 61 -5.72 29.46 -11.76
C GLU A 61 -6.67 28.49 -11.09
N ILE A 62 -6.29 28.00 -9.90
CA ILE A 62 -7.17 27.11 -9.14
C ILE A 62 -8.50 27.80 -8.86
N VAL A 63 -8.43 29.06 -8.43
CA VAL A 63 -9.63 29.83 -8.10
C VAL A 63 -10.51 30.02 -9.34
N ALA A 64 -9.89 30.36 -10.48
CA ALA A 64 -10.67 30.50 -11.70
C ALA A 64 -11.20 29.16 -12.18
N ALA A 65 -10.41 28.10 -12.02
CA ALA A 65 -10.77 26.81 -12.61
C ALA A 65 -11.92 26.15 -11.86
N ARG A 66 -12.03 26.38 -10.56
CA ARG A 66 -13.01 25.62 -9.80
C ARG A 66 -14.42 26.07 -10.12
N LYS A 67 -14.60 27.17 -10.87
CA LYS A 67 -15.94 27.51 -11.33
C LYS A 67 -16.49 26.48 -12.31
N ASN A 68 -15.63 25.86 -13.13
CA ASN A 68 -16.08 24.93 -14.16
C ASN A 68 -15.55 23.51 -13.96
N HIS A 69 -14.75 23.26 -12.93
CA HIS A 69 -14.05 21.99 -12.77
C HIS A 69 -13.98 21.62 -11.29
N LYS A 70 -14.28 20.36 -10.99
CA LYS A 70 -14.09 19.79 -9.67
C LYS A 70 -12.64 19.31 -9.55
N LEU A 71 -11.93 19.79 -8.52
CA LEU A 71 -10.48 19.58 -8.44
C LEU A 71 -10.10 18.95 -7.11
N LEU A 72 -9.29 17.91 -7.17
CA LEU A 72 -8.59 17.41 -5.99
C LEU A 72 -7.12 17.76 -6.17
N ILE A 73 -6.60 18.61 -5.29
CA ILE A 73 -5.29 19.22 -5.48
C ILE A 73 -4.34 18.63 -4.44
N GLY A 74 -3.43 17.76 -4.89
CA GLY A 74 -2.45 17.15 -4.00
C GLY A 74 -1.12 17.88 -4.06
N THR A 75 -0.38 17.86 -2.96
CA THR A 75 0.91 18.55 -2.92
C THR A 75 2.06 17.54 -2.90
N GLY A 76 3.17 17.96 -3.51
CA GLY A 76 4.43 17.24 -3.40
C GLY A 76 5.16 17.63 -2.13
N ALA A 77 6.36 17.07 -1.97
CA ALA A 77 7.16 17.27 -0.77
C ALA A 77 8.35 18.20 -1.05
N GLY A 78 9.35 17.74 -1.80
CA GLY A 78 10.41 18.65 -2.19
C GLY A 78 11.66 18.62 -1.34
N THR A 79 12.36 19.74 -1.26
CA THR A 79 13.73 19.72 -0.77
C THR A 79 13.82 19.37 0.71
N ARG A 80 12.80 19.69 1.50
CA ARG A 80 12.87 19.30 2.92
C ARG A 80 12.76 17.79 3.09
N ALA A 81 11.98 17.13 2.24
CA ALA A 81 11.93 15.66 2.27
C ALA A 81 13.26 15.06 1.87
N ARG A 82 13.89 15.60 0.82
CA ARG A 82 15.21 15.10 0.43
C ARG A 82 16.22 15.26 1.56
N HIS A 83 16.14 16.36 2.33
CA HIS A 83 17.05 16.52 3.46
C HIS A 83 16.81 15.43 4.50
N LEU A 84 15.53 15.21 4.84
CA LEU A 84 15.16 14.16 5.79
C LEU A 84 15.58 12.78 5.31
N TYR A 85 15.31 12.48 4.02
CA TYR A 85 15.76 11.22 3.46
C TYR A 85 17.28 11.07 3.60
N SER A 86 18.02 12.15 3.37
CA SER A 86 19.47 12.06 3.46
C SER A 86 19.93 11.76 4.89
N ILE A 87 19.39 12.50 5.87
CA ILE A 87 19.74 12.22 7.27
C ILE A 87 19.40 10.77 7.62
N ALA A 88 18.15 10.37 7.36
CA ALA A 88 17.71 9.05 7.80
C ALA A 88 18.43 7.93 7.06
N ALA A 89 18.63 8.08 5.75
CA ALA A 89 19.38 7.07 5.00
C ALA A 89 20.79 6.92 5.54
N GLY A 90 21.44 8.02 5.91
CA GLY A 90 22.78 7.95 6.44
C GLY A 90 22.86 7.26 7.79
N LEU A 91 21.75 7.24 8.52
CA LEU A 91 21.66 6.50 9.77
C LEU A 91 21.32 5.04 9.58
N GLY A 92 21.11 4.59 8.34
CA GLY A 92 20.67 3.22 8.13
C GLY A 92 19.20 3.00 8.37
N LEU A 93 18.39 4.02 8.31
CA LEU A 93 16.98 3.77 8.58
C LEU A 93 16.30 3.21 7.32
N PRO A 94 15.27 2.38 7.49
CA PRO A 94 14.64 1.72 6.35
C PRO A 94 13.59 2.58 5.67
N ALA A 95 13.18 2.14 4.47
CA ALA A 95 12.24 2.93 3.66
C ALA A 95 10.97 3.24 4.42
N GLY A 96 10.49 2.30 5.24
CA GLY A 96 9.26 2.56 5.97
C GLY A 96 9.37 3.72 6.94
N VAL A 97 10.55 3.94 7.51
CA VAL A 97 10.74 5.10 8.38
C VAL A 97 10.82 6.37 7.55
N LEU A 98 11.53 6.34 6.42
CA LEU A 98 11.61 7.54 5.58
C LEU A 98 10.23 7.95 5.07
N ALA A 99 9.38 6.97 4.79
CA ALA A 99 8.06 7.29 4.24
C ALA A 99 7.30 8.26 5.14
N GLN A 100 7.33 8.02 6.45
CA GLN A 100 6.61 8.90 7.38
C GLN A 100 7.22 10.29 7.41
N LEU A 101 8.55 10.37 7.32
CA LEU A 101 9.20 11.68 7.31
C LEU A 101 8.79 12.48 6.08
N GLY A 102 8.72 11.81 4.93
CA GLY A 102 8.37 12.54 3.70
C GLY A 102 6.95 13.06 3.76
N SER A 103 6.06 12.31 4.41
CA SER A 103 4.66 12.70 4.47
C SER A 103 4.47 14.01 5.23
N SER A 104 5.27 14.25 6.27
CA SER A 104 5.13 15.51 7.00
C SER A 104 5.52 16.71 6.14
N VAL A 105 6.43 16.52 5.18
CA VAL A 105 6.79 17.65 4.32
C VAL A 105 5.68 17.93 3.31
N ALA A 106 5.11 16.88 2.74
CA ALA A 106 3.94 17.08 1.88
C ALA A 106 2.79 17.72 2.66
N ASP A 107 2.63 17.35 3.95
CA ASP A 107 1.61 17.98 4.80
C ASP A 107 1.89 19.48 4.96
N GLN A 108 3.16 19.85 5.21
CA GLN A 108 3.50 21.27 5.32
C GLN A 108 3.08 22.02 4.07
N ASN A 109 3.38 21.45 2.90
CA ASN A 109 3.07 22.12 1.64
C ASN A 109 1.56 22.24 1.43
N ALA A 110 0.81 21.21 1.84
CA ALA A 110 -0.65 21.30 1.75
C ALA A 110 -1.18 22.44 2.61
N ALA A 111 -0.62 22.60 3.81
CA ALA A 111 -1.10 23.66 4.70
C ALA A 111 -0.81 25.03 4.15
N MET A 112 0.37 25.22 3.56
CA MET A 112 0.70 26.52 2.99
C MET A 112 -0.20 26.83 1.80
N LEU A 113 -0.36 25.87 0.88
CA LEU A 113 -1.25 26.10 -0.24
C LEU A 113 -2.68 26.32 0.23
N GLY A 114 -3.12 25.53 1.21
CA GLY A 114 -4.49 25.62 1.66
C GLY A 114 -4.80 26.96 2.31
N GLN A 115 -3.83 27.54 3.02
CA GLN A 115 -4.06 28.83 3.66
C GLN A 115 -4.21 29.95 2.64
N LEU A 116 -3.54 29.82 1.49
CA LEU A 116 -3.73 30.79 0.42
C LEU A 116 -5.09 30.62 -0.26
N LEU A 117 -5.72 29.46 -0.14
CA LEU A 117 -7.00 29.20 -0.78
C LEU A 117 -8.18 29.29 0.18
N ALA A 118 -7.91 29.41 1.48
CA ALA A 118 -8.97 29.34 2.49
C ALA A 118 -10.04 30.42 2.29
N LYS A 119 -9.64 31.63 1.92
CA LYS A 119 -10.66 32.67 1.77
C LYS A 119 -11.57 32.42 0.58
N HIS A 120 -11.19 31.52 -0.31
CA HIS A 120 -12.06 31.08 -1.39
C HIS A 120 -12.88 29.86 -1.02
N GLY A 121 -12.78 29.39 0.24
CA GLY A 121 -13.61 28.33 0.74
C GLY A 121 -13.02 26.94 0.61
N ILE A 122 -11.81 26.81 0.08
CA ILE A 122 -11.24 25.51 -0.28
C ILE A 122 -10.47 24.98 0.93
N PRO A 123 -10.84 23.82 1.45
CA PRO A 123 -10.17 23.29 2.64
C PRO A 123 -9.02 22.36 2.31
N VAL A 124 -8.18 22.14 3.32
CA VAL A 124 -7.20 21.06 3.33
C VAL A 124 -7.87 19.86 3.97
N VAL A 125 -7.78 18.69 3.33
CA VAL A 125 -8.43 17.49 3.83
C VAL A 125 -7.40 16.38 3.86
N GLY A 126 -7.69 15.34 4.66
CA GLY A 126 -6.81 14.20 4.74
C GLY A 126 -6.75 13.44 3.43
N GLY A 127 -5.59 12.84 3.18
CA GLY A 127 -5.33 12.22 1.89
C GLY A 127 -5.58 10.72 1.82
N ALA A 128 -5.67 10.05 2.97
CA ALA A 128 -5.81 8.60 2.98
C ALA A 128 -7.09 8.13 2.30
N GLY A 129 -8.12 8.97 2.24
CA GLY A 129 -9.38 8.61 1.61
C GLY A 129 -10.35 9.76 1.41
N LEU A 130 -11.62 9.55 1.79
CA LEU A 130 -12.73 10.41 1.37
C LEU A 130 -12.91 11.64 2.26
N SER A 131 -12.94 11.46 3.58
CA SER A 131 -12.83 12.56 4.54
C SER A 131 -13.89 13.63 4.24
N ALA A 132 -13.51 14.90 4.14
CA ALA A 132 -14.41 15.98 3.77
C ALA A 132 -14.46 16.20 2.26
N VAL A 133 -14.02 15.24 1.44
CA VAL A 133 -13.94 15.47 0.01
C VAL A 133 -15.32 15.58 -0.62
N PRO A 134 -16.27 14.65 -0.36
CA PRO A 134 -17.55 14.75 -1.09
C PRO A 134 -18.27 16.05 -0.85
N LEU A 135 -18.35 16.48 0.40
CA LEU A 135 -19.05 17.72 0.70
C LEU A 135 -18.33 18.92 0.08
N SER A 136 -17.00 18.98 0.23
CA SER A 136 -16.29 20.13 -0.30
C SER A 136 -16.38 20.20 -1.82
N LEU A 137 -16.17 19.07 -2.50
CA LEU A 137 -16.28 19.05 -3.95
C LEU A 137 -17.65 19.49 -4.43
N ALA A 138 -18.70 19.16 -3.69
CA ALA A 138 -20.03 19.58 -4.10
C ALA A 138 -20.22 21.08 -3.90
N GLU A 139 -19.62 21.67 -2.87
CA GLU A 139 -19.91 23.06 -2.56
C GLU A 139 -18.90 24.02 -3.19
N VAL A 140 -17.61 23.89 -2.84
CA VAL A 140 -16.59 24.82 -3.29
C VAL A 140 -15.76 24.29 -4.45
N ASN A 141 -16.04 23.07 -4.90
CA ASN A 141 -15.50 22.48 -6.12
C ASN A 141 -14.02 22.14 -6.08
N ALA A 142 -13.40 22.17 -4.91
CA ALA A 142 -11.98 21.87 -4.83
C ALA A 142 -11.60 21.54 -3.38
N VAL A 143 -10.57 20.72 -3.23
CA VAL A 143 -9.95 20.44 -1.93
C VAL A 143 -8.45 20.36 -2.16
N VAL A 144 -7.69 20.61 -1.09
CA VAL A 144 -6.24 20.43 -1.09
C VAL A 144 -5.92 19.26 -0.18
N PHE A 145 -5.02 18.39 -0.62
CA PHE A 145 -4.58 17.27 0.21
C PHE A 145 -3.08 17.05 0.05
N SER A 146 -2.49 16.39 1.04
CA SER A 146 -1.08 16.01 0.97
C SER A 146 -0.92 14.78 0.09
N GLY A 147 0.04 14.81 -0.83
CA GLY A 147 0.10 13.76 -1.83
C GLY A 147 0.77 12.46 -1.43
N MET A 148 1.34 12.37 -0.22
CA MET A 148 2.10 11.17 0.14
C MET A 148 1.14 10.02 0.45
N PRO A 149 1.43 8.81 0.00
CA PRO A 149 0.57 7.67 0.33
C PRO A 149 0.73 7.33 1.81
N PRO A 150 -0.27 6.69 2.41
CA PRO A 150 -0.26 6.51 3.86
C PRO A 150 0.46 5.23 4.31
N TYR A 151 1.39 4.71 3.49
CA TYR A 151 1.90 3.37 3.78
C TYR A 151 2.77 3.34 5.04
N LYS A 152 3.42 4.45 5.38
CA LYS A 152 4.22 4.58 6.61
C LYS A 152 5.18 3.39 6.67
N LEU A 153 5.31 2.72 7.82
CA LEU A 153 6.24 1.64 8.01
C LEU A 153 5.97 0.45 7.09
N TRP A 154 4.80 0.40 6.46
CA TRP A 154 4.47 -0.66 5.53
C TRP A 154 4.78 -0.30 4.08
N MET A 155 5.52 0.78 3.85
CA MET A 155 5.95 1.15 2.51
C MET A 155 6.78 0.02 1.89
N ARG A 156 6.42 -0.38 0.67
CA ARG A 156 7.27 -1.30 -0.08
C ARG A 156 8.60 -0.63 -0.40
N PRO A 157 9.73 -1.23 -0.05
CA PRO A 157 11.01 -0.63 -0.43
C PRO A 157 11.28 -0.80 -1.91
N ALA A 158 12.17 0.05 -2.43
CA ALA A 158 12.65 -0.16 -3.79
C ALA A 158 13.60 -1.36 -3.81
N ALA A 159 13.96 -1.79 -5.03
CA ALA A 159 14.91 -2.88 -5.17
C ALA A 159 16.26 -2.53 -4.55
N GLU A 160 16.63 -1.26 -4.59
CA GLU A 160 17.91 -0.80 -4.08
C GLU A 160 17.70 0.48 -3.29
N GLY A 161 18.43 0.64 -2.19
CA GLY A 161 18.35 1.87 -1.41
C GLY A 161 17.10 1.94 -0.54
N VAL A 162 17.03 2.99 0.28
CA VAL A 162 15.96 3.14 1.27
C VAL A 162 15.04 4.31 0.93
N ILE A 163 15.21 4.96 -0.21
CA ILE A 163 14.27 6.02 -0.58
C ILE A 163 12.90 5.40 -0.86
N PRO A 164 11.82 5.85 -0.24
CA PRO A 164 10.50 5.28 -0.54
C PRO A 164 10.21 5.41 -2.03
N PRO A 165 9.86 4.32 -2.71
CA PRO A 165 9.59 4.42 -4.15
C PRO A 165 8.24 5.02 -4.48
N TYR A 166 7.27 4.98 -3.56
CA TYR A 166 5.93 5.49 -3.80
C TYR A 166 5.83 6.79 -3.03
N ARG A 167 6.00 7.91 -3.75
CA ARG A 167 5.94 9.20 -3.08
C ARG A 167 4.74 9.97 -3.60
N THR A 168 4.83 11.29 -3.76
CA THR A 168 3.62 12.07 -3.98
C THR A 168 3.06 11.98 -5.40
N ASP A 169 3.88 11.67 -6.41
CA ASP A 169 3.29 11.35 -7.72
C ASP A 169 2.40 10.12 -7.60
N ALA A 170 2.92 9.07 -6.94
CA ALA A 170 2.16 7.83 -6.78
C ALA A 170 0.92 8.06 -5.93
N GLY A 171 1.07 8.79 -4.83
CA GLY A 171 -0.08 9.07 -3.97
C GLY A 171 -1.21 9.74 -4.72
N CYS A 172 -0.90 10.81 -5.46
CA CYS A 172 -1.94 11.52 -6.19
C CYS A 172 -2.51 10.63 -7.28
N PHE A 173 -1.66 9.87 -7.96
CA PHE A 173 -2.16 9.03 -9.03
C PHE A 173 -3.12 7.98 -8.48
N LEU A 174 -2.77 7.35 -7.36
CA LEU A 174 -3.59 6.27 -6.83
C LEU A 174 -4.96 6.78 -6.42
N LEU A 175 -5.04 8.02 -5.90
CA LEU A 175 -6.34 8.57 -5.52
C LEU A 175 -7.18 8.87 -6.76
N ALA A 176 -6.58 9.42 -7.79
CA ALA A 176 -7.29 9.58 -9.06
C ALA A 176 -7.81 8.24 -9.55
N GLU A 177 -6.97 7.21 -9.45
CA GLU A 177 -7.37 5.90 -9.94
C GLU A 177 -8.48 5.30 -9.10
N GLN A 178 -8.35 5.36 -7.78
CA GLN A 178 -9.33 4.65 -6.97
C GLN A 178 -10.64 5.41 -6.86
N PHE A 179 -10.62 6.74 -6.98
CA PHE A 179 -11.88 7.49 -7.08
C PHE A 179 -12.46 7.50 -8.49
N GLY A 180 -11.77 6.92 -9.47
CA GLY A 180 -12.27 6.89 -10.84
C GLY A 180 -12.41 8.27 -11.46
N CYS A 181 -11.50 9.19 -11.15
CA CYS A 181 -11.55 10.54 -11.68
C CYS A 181 -11.31 10.54 -13.18
N LYS A 182 -11.74 11.62 -13.83
CA LYS A 182 -11.66 11.64 -15.29
C LYS A 182 -10.29 12.03 -15.81
N GLN A 183 -9.40 12.54 -14.95
CA GLN A 183 -8.21 13.20 -15.46
C GLN A 183 -7.21 13.32 -14.32
N MET A 184 -5.93 13.22 -14.66
CA MET A 184 -4.82 13.32 -13.73
C MET A 184 -3.76 14.22 -14.35
N ILE A 185 -3.50 15.36 -13.72
CA ILE A 185 -2.55 16.34 -14.24
C ILE A 185 -1.44 16.54 -13.22
N PHE A 186 -0.20 16.29 -13.64
CA PHE A 186 0.96 16.58 -12.81
C PHE A 186 1.50 17.96 -13.15
N VAL A 187 1.59 18.83 -12.17
CA VAL A 187 2.07 20.19 -12.40
C VAL A 187 3.50 20.29 -11.91
N LYS A 188 4.45 20.38 -12.85
CA LYS A 188 5.87 20.41 -12.52
C LYS A 188 6.50 21.70 -13.04
N ASP A 189 7.81 21.71 -13.29
CA ASP A 189 8.51 22.92 -13.70
C ASP A 189 9.18 22.77 -15.06
N GLU A 190 8.72 21.81 -15.88
CA GLU A 190 9.19 21.67 -17.25
C GLU A 190 7.97 21.51 -18.15
N ASP A 191 8.12 21.87 -19.43
CA ASP A 191 6.97 21.84 -20.33
C ASP A 191 6.39 20.45 -20.48
N GLY A 192 7.21 19.43 -20.26
CA GLY A 192 6.73 18.06 -20.31
C GLY A 192 7.90 17.11 -20.32
N LEU A 193 7.68 15.94 -20.90
CA LEU A 193 8.76 14.98 -21.07
C LEU A 193 9.64 15.35 -22.25
N TYR A 194 10.96 15.21 -22.06
CA TYR A 194 11.93 15.35 -23.13
C TYR A 194 12.68 14.02 -23.30
N THR A 195 13.42 13.92 -24.40
CA THR A 195 14.25 12.74 -24.64
C THR A 195 15.42 12.65 -23.66
N ALA A 196 15.69 13.71 -22.90
CA ALA A 196 16.70 13.71 -21.86
C ALA A 196 16.29 14.75 -20.82
N ASN A 197 16.97 14.73 -19.67
CA ASN A 197 16.69 15.72 -18.62
C ASN A 197 17.00 17.12 -19.16
N PRO A 198 15.98 17.98 -19.33
CA PRO A 198 16.24 19.30 -19.92
C PRO A 198 17.13 20.18 -19.04
N LYS A 199 17.18 19.95 -17.73
CA LYS A 199 18.03 20.78 -16.88
C LYS A 199 19.51 20.46 -17.06
N THR A 200 19.83 19.24 -17.47
CA THR A 200 21.22 18.81 -17.63
C THR A 200 21.53 18.33 -19.05
N SER A 201 20.71 18.68 -20.02
CA SER A 201 20.95 18.31 -21.41
C SER A 201 20.63 19.48 -22.31
N LYS A 202 21.54 19.77 -23.23
CA LYS A 202 21.38 20.91 -24.12
C LYS A 202 20.33 20.62 -25.19
N ASP A 203 20.38 19.42 -25.78
CA ASP A 203 19.69 19.09 -27.01
C ASP A 203 18.49 18.16 -26.79
N ALA A 204 17.88 18.19 -25.61
CA ALA A 204 16.72 17.33 -25.38
C ALA A 204 15.56 17.77 -26.27
N THR A 205 14.81 16.80 -26.76
CA THR A 205 13.69 17.04 -27.66
C THR A 205 12.37 16.79 -26.94
N PHE A 206 11.41 17.70 -27.14
CA PHE A 206 10.14 17.61 -26.43
C PHE A 206 9.28 16.48 -27.01
N ILE A 207 8.60 15.76 -26.13
CA ILE A 207 7.74 14.64 -26.50
C ILE A 207 6.29 14.97 -26.15
N PRO A 208 5.42 15.26 -27.12
CA PRO A 208 4.02 15.59 -26.78
C PRO A 208 3.21 14.40 -26.27
N ARG A 209 3.50 13.19 -26.74
CA ARG A 209 2.66 12.05 -26.40
C ARG A 209 3.49 10.78 -26.49
N ILE A 210 3.34 9.91 -25.50
CA ILE A 210 4.13 8.69 -25.45
C ILE A 210 3.40 7.69 -24.56
N SER A 211 3.59 6.40 -24.86
CA SER A 211 3.10 5.35 -23.97
C SER A 211 4.17 4.96 -22.96
N VAL A 212 3.72 4.30 -21.89
CA VAL A 212 4.65 3.79 -20.87
C VAL A 212 5.66 2.85 -21.51
N ASP A 213 5.20 1.92 -22.36
CA ASP A 213 6.13 0.98 -22.99
C ASP A 213 7.18 1.72 -23.80
N GLU A 214 6.77 2.74 -24.57
CA GLU A 214 7.74 3.50 -25.36
C GLU A 214 8.72 4.24 -24.45
N MET A 215 8.23 4.76 -23.32
CA MET A 215 9.13 5.42 -22.36
C MET A 215 10.21 4.44 -21.88
N LYS A 216 9.80 3.24 -21.50
CA LYS A 216 10.77 2.25 -21.02
C LYS A 216 11.78 1.90 -22.10
N ALA A 217 11.33 1.79 -23.36
CA ALA A 217 12.26 1.47 -24.45
C ALA A 217 13.24 2.60 -24.74
N LYS A 218 13.07 3.77 -24.13
CA LYS A 218 13.96 4.90 -24.35
C LYS A 218 14.77 5.27 -23.12
N GLY A 219 14.80 4.43 -22.09
CA GLY A 219 15.53 4.74 -20.88
C GLY A 219 14.90 5.80 -20.00
N LEU A 220 13.72 6.31 -20.35
CA LEU A 220 13.06 7.37 -19.59
C LEU A 220 12.19 6.84 -18.45
N HIS A 221 12.48 5.65 -17.92
CA HIS A 221 11.60 5.06 -16.90
C HIS A 221 11.52 5.94 -15.66
N ASP A 222 12.65 6.51 -15.24
CA ASP A 222 12.70 7.42 -14.09
C ASP A 222 13.16 8.80 -14.60
N SER A 223 12.20 9.59 -15.08
CA SER A 223 12.48 10.94 -15.57
C SER A 223 11.62 11.97 -14.85
N ILE A 224 10.59 12.50 -15.53
CA ILE A 224 9.78 13.55 -14.90
C ILE A 224 8.75 12.98 -13.93
N LEU A 225 8.47 11.68 -13.98
CA LEU A 225 7.58 11.02 -13.03
C LEU A 225 8.30 9.90 -12.30
N GLU A 226 7.96 9.71 -11.02
CA GLU A 226 8.36 8.50 -10.31
C GLU A 226 8.11 7.27 -11.20
N PHE A 227 9.16 6.50 -11.50
CA PHE A 227 8.98 5.31 -12.33
C PHE A 227 7.88 4.37 -11.79
N PRO A 228 7.75 4.14 -10.48
CA PRO A 228 6.61 3.33 -10.03
C PRO A 228 5.25 3.81 -10.53
N VAL A 229 5.08 5.12 -10.72
CA VAL A 229 3.81 5.64 -11.22
C VAL A 229 3.52 5.10 -12.62
N LEU A 230 4.56 4.91 -13.44
CA LEU A 230 4.34 4.39 -14.80
C LEU A 230 3.77 2.98 -14.75
N ASP A 231 4.24 2.17 -13.80
CA ASP A 231 3.73 0.81 -13.70
C ASP A 231 2.31 0.80 -13.12
N LEU A 232 2.06 1.66 -12.14
CA LEU A 232 0.71 1.83 -11.62
C LEU A 232 -0.24 2.21 -12.75
N LEU A 233 0.20 3.11 -13.63
CA LEU A 233 -0.64 3.55 -14.73
C LEU A 233 -1.00 2.40 -15.66
N GLN A 234 -0.04 1.51 -15.93
CA GLN A 234 -0.34 0.39 -16.82
C GLN A 234 -1.35 -0.57 -16.20
N SER A 235 -1.45 -0.62 -14.88
CA SER A 235 -2.39 -1.49 -14.19
CA SER A 235 -2.40 -1.51 -14.22
C SER A 235 -3.71 -0.81 -13.87
N ALA A 236 -3.83 0.49 -14.14
CA ALA A 236 -4.99 1.26 -13.70
C ALA A 236 -6.25 0.82 -14.42
N GLN A 237 -7.38 0.89 -13.71
CA GLN A 237 -8.69 0.61 -14.28
C GLN A 237 -9.35 1.86 -14.85
N HIS A 238 -9.14 3.02 -14.23
CA HIS A 238 -9.91 4.21 -14.54
C HIS A 238 -9.10 5.30 -15.20
N VAL A 239 -7.87 5.54 -14.75
CA VAL A 239 -7.04 6.60 -15.30
C VAL A 239 -5.98 5.93 -16.16
N ARG A 240 -6.18 5.93 -17.47
CA ARG A 240 -5.33 5.23 -18.42
C ARG A 240 -4.37 6.16 -19.15
N GLU A 241 -4.35 7.44 -18.78
CA GLU A 241 -3.35 8.37 -19.27
C GLU A 241 -3.23 9.47 -18.23
N VAL A 242 -2.10 10.18 -18.28
CA VAL A 242 -1.87 11.32 -17.42
C VAL A 242 -1.25 12.41 -18.27
N GLN A 243 -1.34 13.64 -17.78
CA GLN A 243 -0.79 14.79 -18.47
C GLN A 243 0.19 15.50 -17.55
N VAL A 244 1.37 15.82 -18.08
CA VAL A 244 2.40 16.52 -17.33
C VAL A 244 2.53 17.91 -17.94
N VAL A 245 2.38 18.95 -17.11
CA VAL A 245 2.42 20.32 -17.61
C VAL A 245 3.34 21.16 -16.73
N ASN A 246 3.72 22.31 -17.27
CA ASN A 246 4.62 23.24 -16.59
C ASN A 246 3.78 24.25 -15.82
N GLY A 247 3.77 24.13 -14.50
CA GLY A 247 3.04 25.07 -13.68
C GLY A 247 3.63 26.46 -13.63
N LEU A 248 4.86 26.64 -14.11
CA LEU A 248 5.48 27.96 -14.13
C LEU A 248 5.03 28.79 -15.33
N VAL A 249 4.34 28.20 -16.29
CA VAL A 249 3.80 28.93 -17.45
C VAL A 249 2.42 29.42 -17.08
N PRO A 250 2.16 30.73 -17.07
CA PRO A 250 0.85 31.22 -16.64
C PRO A 250 -0.26 30.65 -17.52
N GLY A 251 -1.33 30.18 -16.88
CA GLY A 251 -2.46 29.64 -17.58
C GLY A 251 -2.33 28.20 -18.02
N ASN A 252 -1.17 27.56 -17.82
CA ASN A 252 -0.99 26.19 -18.30
C ASN A 252 -1.97 25.22 -17.64
N LEU A 253 -2.21 25.37 -16.35
CA LEU A 253 -3.17 24.49 -15.68
C LEU A 253 -4.57 24.73 -16.22
N THR A 254 -4.97 26.00 -16.30
CA THR A 254 -6.26 26.39 -16.86
C THR A 254 -6.47 25.81 -18.26
N ARG A 255 -5.46 25.92 -19.11
CA ARG A 255 -5.61 25.41 -20.48
CA ARG A 255 -5.61 25.41 -20.48
C ARG A 255 -5.65 23.88 -20.49
N ALA A 256 -4.86 23.24 -19.65
CA ALA A 256 -4.94 21.78 -19.55
C ALA A 256 -6.33 21.33 -19.12
N LEU A 257 -6.93 22.04 -18.15
CA LEU A 257 -8.28 21.69 -17.71
C LEU A 257 -9.31 21.94 -18.81
N ALA A 258 -9.05 22.91 -19.69
CA ALA A 258 -9.94 23.16 -20.82
C ALA A 258 -9.76 22.16 -21.96
N GLY A 259 -8.91 21.15 -21.80
CA GLY A 259 -8.72 20.17 -22.85
C GLY A 259 -7.61 20.48 -23.85
N GLU A 260 -6.82 21.52 -23.61
CA GLU A 260 -5.73 21.86 -24.53
C GLU A 260 -4.56 20.92 -24.28
N HIS A 261 -3.88 20.53 -25.34
CA HIS A 261 -2.85 19.52 -25.20
C HIS A 261 -1.49 20.14 -24.91
N VAL A 262 -1.44 20.95 -23.85
CA VAL A 262 -0.16 21.48 -23.43
C VAL A 262 0.59 20.37 -22.69
N GLY A 263 1.90 20.44 -22.70
CA GLY A 263 2.61 19.43 -21.97
C GLY A 263 2.61 18.08 -22.69
N THR A 264 2.85 17.03 -21.91
CA THR A 264 3.01 15.68 -22.41
C THR A 264 1.90 14.80 -21.90
N ILE A 265 1.30 14.04 -22.80
CA ILE A 265 0.30 13.03 -22.43
C ILE A 265 1.01 11.68 -22.42
N ILE A 266 1.02 11.03 -21.27
CA ILE A 266 1.61 9.70 -21.12
C ILE A 266 0.46 8.71 -21.04
N THR A 267 0.43 7.73 -21.94
CA THR A 267 -0.66 6.77 -21.98
C THR A 267 -0.19 5.43 -21.44
N ALA A 268 -1.14 4.73 -20.78
CA ALA A 268 -0.84 3.38 -20.29
C ALA A 268 -0.46 2.46 -21.44
N SER A 269 -1.14 2.57 -22.57
CA SER A 269 -0.83 1.71 -23.72
C SER A 269 -0.77 2.51 -25.02
N LYS B 31 25.41 -0.45 2.88
CA LYS B 31 24.93 -1.64 3.56
C LYS B 31 23.44 -1.56 3.90
N ARG B 32 22.87 -2.66 4.39
CA ARG B 32 21.45 -2.75 4.62
C ARG B 32 21.05 -1.88 5.81
N PRO B 33 19.78 -1.49 5.89
CA PRO B 33 19.33 -0.65 7.01
C PRO B 33 19.45 -1.41 8.32
N ILE B 34 19.60 -0.65 9.42
CA ILE B 34 19.71 -1.29 10.73
C ILE B 34 18.42 -2.01 11.08
N ARG B 35 18.53 -2.90 12.07
CA ARG B 35 17.36 -3.56 12.65
C ARG B 35 16.83 -2.67 13.77
N LEU B 36 15.55 -2.29 13.69
CA LEU B 36 14.98 -1.42 14.72
C LEU B 36 14.66 -2.19 15.99
N LEU B 37 14.10 -3.38 15.85
CA LEU B 37 13.69 -4.21 16.98
C LEU B 37 14.21 -5.62 16.74
N PRO B 38 15.53 -5.83 16.89
CA PRO B 38 16.11 -7.12 16.49
C PRO B 38 15.65 -8.27 17.35
N TRP B 39 15.13 -7.98 18.54
CA TRP B 39 14.74 -9.02 19.49
C TRP B 39 13.28 -9.39 19.36
N LEU B 40 12.58 -8.82 18.38
CA LEU B 40 11.15 -9.01 18.23
C LEU B 40 10.83 -10.29 17.47
N GLN B 41 9.82 -11.02 17.93
CA GLN B 41 9.23 -12.10 17.15
C GLN B 41 7.84 -11.68 16.69
N VAL B 42 7.58 -11.80 15.38
CA VAL B 42 6.29 -11.45 14.80
C VAL B 42 5.57 -12.74 14.46
N VAL B 43 4.31 -12.83 14.87
CA VAL B 43 3.48 -14.01 14.64
C VAL B 43 2.21 -13.53 13.96
N LYS B 44 1.91 -14.08 12.78
CA LYS B 44 0.70 -13.71 12.06
C LYS B 44 -0.28 -14.87 12.20
N ILE B 45 -1.47 -14.57 12.71
CA ILE B 45 -2.52 -15.56 12.92
C ILE B 45 -3.51 -15.46 11.77
N GLY B 46 -3.74 -16.56 11.05
CA GLY B 46 -4.64 -16.50 9.92
C GLY B 46 -6.06 -16.17 10.35
N GLY B 47 -6.71 -15.30 9.57
CA GLY B 47 -8.13 -15.03 9.81
C GLY B 47 -8.99 -16.27 9.81
N ARG B 48 -8.66 -17.25 8.95
CA ARG B 48 -9.47 -18.48 8.91
C ARG B 48 -9.21 -19.36 10.12
N VAL B 49 -8.07 -19.20 10.80
CA VAL B 49 -7.89 -19.87 12.09
C VAL B 49 -8.85 -19.28 13.11
N MET B 50 -8.90 -17.96 13.19
CA MET B 50 -9.85 -17.28 14.07
C MET B 50 -11.29 -17.68 13.75
N ASP B 51 -11.61 -17.82 12.46
CA ASP B 51 -12.98 -18.17 12.05
C ASP B 51 -13.47 -19.48 12.66
N ARG B 52 -12.56 -20.34 13.11
CA ARG B 52 -12.99 -21.61 13.68
C ARG B 52 -13.52 -21.45 15.11
N GLY B 53 -13.40 -20.27 15.69
CA GLY B 53 -13.98 -20.04 16.99
C GLY B 53 -13.18 -20.70 18.11
N ALA B 54 -13.84 -20.79 19.26
CA ALA B 54 -13.22 -21.26 20.49
C ALA B 54 -12.44 -22.57 20.31
N ASP B 55 -12.96 -23.48 19.47
CA ASP B 55 -12.28 -24.78 19.31
C ASP B 55 -10.84 -24.61 18.86
N ALA B 56 -10.57 -23.63 18.02
CA ALA B 56 -9.21 -23.31 17.60
C ALA B 56 -8.55 -22.23 18.45
N ILE B 57 -9.33 -21.25 18.89
CA ILE B 57 -8.76 -20.08 19.54
C ILE B 57 -8.31 -20.41 20.97
N LEU B 58 -9.11 -21.18 21.72
CA LEU B 58 -8.72 -21.46 23.09
C LEU B 58 -7.37 -22.18 23.18
N PRO B 59 -7.10 -23.24 22.41
CA PRO B 59 -5.76 -23.85 22.50
C PRO B 59 -4.66 -22.92 22.05
N LEU B 60 -4.91 -22.10 21.03
CA LEU B 60 -3.92 -21.13 20.59
C LEU B 60 -3.65 -20.09 21.67
N VAL B 61 -4.69 -19.63 22.36
CA VAL B 61 -4.50 -18.66 23.43
C VAL B 61 -3.69 -19.28 24.56
N GLU B 62 -3.98 -20.54 24.90
CA GLU B 62 -3.19 -21.20 25.94
C GLU B 62 -1.73 -21.34 25.51
N GLU B 63 -1.49 -21.66 24.24
CA GLU B 63 -0.12 -21.76 23.77
C GLU B 63 0.55 -20.38 23.77
N LEU B 64 -0.16 -19.34 23.32
CA LEU B 64 0.40 -18.00 23.39
C LEU B 64 0.73 -17.60 24.83
N ARG B 65 -0.17 -17.92 25.78
CA ARG B 65 0.11 -17.57 27.17
C ARG B 65 1.45 -18.17 27.62
N LYS B 66 1.70 -19.43 27.25
CA LYS B 66 2.95 -20.07 27.66
C LYS B 66 4.18 -19.45 27.00
N LEU B 67 4.00 -18.83 25.83
CA LEU B 67 5.10 -18.23 25.08
C LEU B 67 5.44 -16.83 25.56
N LEU B 68 4.51 -16.14 26.25
CA LEU B 68 4.77 -14.78 26.71
C LEU B 68 6.07 -14.64 27.50
N PRO B 69 6.42 -15.53 28.44
CA PRO B 69 7.72 -15.37 29.14
C PRO B 69 8.93 -15.75 28.30
N GLU B 70 8.76 -16.38 27.14
CA GLU B 70 9.88 -16.81 26.32
C GLU B 70 10.26 -15.79 25.24
N HIS B 71 9.30 -15.06 24.68
CA HIS B 71 9.55 -14.19 23.54
C HIS B 71 8.87 -12.86 23.73
N ARG B 72 9.38 -11.85 23.01
CA ARG B 72 8.73 -10.55 22.87
C ARG B 72 7.91 -10.59 21.58
N LEU B 73 6.59 -10.61 21.70
CA LEU B 73 5.73 -10.98 20.58
C LEU B 73 4.92 -9.80 20.05
N LEU B 74 4.95 -9.62 18.73
CA LEU B 74 3.94 -8.82 18.03
C LEU B 74 3.05 -9.81 17.31
N ILE B 75 1.80 -9.91 17.74
CA ILE B 75 0.85 -10.88 17.20
C ILE B 75 -0.10 -10.12 16.28
N LEU B 76 -0.16 -10.53 15.02
CA LEU B 76 -0.92 -9.80 14.00
C LEU B 76 -1.96 -10.74 13.40
N THR B 77 -3.22 -10.32 13.39
CA THR B 77 -4.31 -11.16 12.92
C THR B 77 -4.69 -10.81 11.49
N GLY B 78 -4.97 -11.85 10.69
CA GLY B 78 -5.57 -11.68 9.38
C GLY B 78 -7.09 -11.59 9.46
N ALA B 79 -7.72 -11.68 8.29
CA ALA B 79 -9.13 -11.27 8.13
C ALA B 79 -10.10 -12.45 8.06
N GLY B 80 -9.84 -13.44 7.20
CA GLY B 80 -10.74 -14.59 7.18
C GLY B 80 -12.02 -14.32 6.40
N VAL B 81 -13.04 -15.13 6.70
CA VAL B 81 -14.21 -15.26 5.82
C VAL B 81 -15.03 -13.97 5.76
N ARG B 82 -15.08 -13.19 6.85
CA ARG B 82 -15.90 -11.99 6.81
C ARG B 82 -15.43 -11.02 5.73
N ALA B 83 -14.13 -10.98 5.43
CA ALA B 83 -13.66 -10.14 4.33
C ALA B 83 -14.18 -10.65 2.99
N ARG B 84 -14.39 -11.96 2.87
CA ARG B 84 -14.96 -12.49 1.64
C ARG B 84 -16.39 -12.01 1.47
N HIS B 85 -17.14 -11.94 2.57
CA HIS B 85 -18.49 -11.43 2.47
C HIS B 85 -18.49 -9.97 2.04
N VAL B 86 -17.64 -9.15 2.66
CA VAL B 86 -17.67 -7.73 2.30
C VAL B 86 -17.13 -7.54 0.89
N PHE B 87 -16.22 -8.40 0.43
CA PHE B 87 -15.83 -8.40 -0.97
C PHE B 87 -17.03 -8.73 -1.86
N SER B 88 -17.84 -9.70 -1.46
CA SER B 88 -19.00 -10.07 -2.28
CA SER B 88 -19.00 -10.07 -2.28
C SER B 88 -19.97 -8.91 -2.40
N VAL B 89 -20.29 -8.26 -1.29
CA VAL B 89 -21.16 -7.09 -1.32
C VAL B 89 -20.50 -5.96 -2.09
N GLY B 90 -19.26 -5.62 -1.75
CA GLY B 90 -18.59 -4.50 -2.37
C GLY B 90 -18.42 -4.65 -3.87
N LEU B 91 -18.06 -5.87 -4.33
CA LEU B 91 -17.94 -6.12 -5.76
C LEU B 91 -19.29 -6.05 -6.45
N ASP B 92 -20.34 -6.58 -5.81
CA ASP B 92 -21.67 -6.45 -6.38
C ASP B 92 -22.08 -4.98 -6.52
N LEU B 93 -21.65 -4.13 -5.59
CA LEU B 93 -21.88 -2.69 -5.71
C LEU B 93 -20.93 -2.01 -6.68
N GLY B 94 -19.95 -2.73 -7.23
CA GLY B 94 -19.03 -2.17 -8.19
C GLY B 94 -17.84 -1.45 -7.60
N LEU B 95 -17.56 -1.63 -6.30
CA LEU B 95 -16.59 -0.77 -5.64
C LEU B 95 -15.16 -1.13 -6.08
N PRO B 96 -14.28 -0.14 -6.22
CA PRO B 96 -12.92 -0.42 -6.69
C PRO B 96 -12.07 -1.04 -5.59
N VAL B 97 -10.88 -1.48 -5.98
CA VAL B 97 -10.04 -2.25 -5.05
C VAL B 97 -9.59 -1.39 -3.88
N GLY B 98 -9.44 -0.07 -4.07
CA GLY B 98 -9.11 0.82 -2.97
C GLY B 98 -10.25 1.00 -1.98
N SER B 99 -11.47 0.68 -2.39
CA SER B 99 -12.56 0.65 -1.42
C SER B 99 -12.58 -0.66 -0.65
N LEU B 100 -12.26 -1.77 -1.32
CA LEU B 100 -12.35 -3.07 -0.66
C LEU B 100 -11.22 -3.28 0.34
N ALA B 101 -10.08 -2.63 0.14
CA ALA B 101 -8.93 -2.90 1.02
C ALA B 101 -9.21 -2.53 2.46
N PRO B 102 -9.67 -1.31 2.79
CA PRO B 102 -9.96 -1.03 4.21
C PRO B 102 -11.15 -1.82 4.72
N LEU B 103 -12.11 -2.16 3.84
CA LEU B 103 -13.23 -3.00 4.29
C LEU B 103 -12.73 -4.35 4.77
N ALA B 104 -11.76 -4.93 4.07
CA ALA B 104 -11.17 -6.20 4.53
C ALA B 104 -10.31 -5.99 5.76
N ALA B 105 -9.54 -4.91 5.79
CA ALA B 105 -8.65 -4.69 6.93
C ALA B 105 -9.45 -4.61 8.22
N SER B 106 -10.67 -4.07 8.15
CA SER B 106 -11.49 -3.97 9.34
C SER B 106 -11.70 -5.33 10.00
N GLU B 107 -11.84 -6.38 9.19
CA GLU B 107 -12.08 -7.71 9.73
C GLU B 107 -10.85 -8.28 10.43
N ALA B 108 -9.65 -7.97 9.92
CA ALA B 108 -8.44 -8.34 10.63
C ALA B 108 -8.32 -7.63 11.96
N GLY B 109 -8.71 -6.35 11.99
CA GLY B 109 -8.76 -5.62 13.24
C GLY B 109 -9.74 -6.21 14.24
N GLN B 110 -10.92 -6.64 13.77
CA GLN B 110 -11.86 -7.28 14.69
C GLN B 110 -11.29 -8.58 15.24
N ASN B 111 -10.64 -9.38 14.38
CA ASN B 111 -9.98 -10.60 14.89
C ASN B 111 -8.94 -10.25 15.94
N GLY B 112 -8.21 -9.15 15.74
CA GLY B 112 -7.20 -8.75 16.71
C GLY B 112 -7.80 -8.33 18.04
N HIS B 113 -8.91 -7.60 18.01
CA HIS B 113 -9.59 -7.26 19.27
C HIS B 113 -10.09 -8.51 19.99
N ILE B 114 -10.63 -9.48 19.25
CA ILE B 114 -11.06 -10.72 19.88
C ILE B 114 -9.88 -11.42 20.53
N LEU B 115 -8.80 -11.60 19.78
CA LEU B 115 -7.67 -12.34 20.32
C LEU B 115 -7.06 -11.61 21.52
N ALA B 116 -6.92 -10.29 21.42
CA ALA B 116 -6.38 -9.53 22.55
C ALA B 116 -7.27 -9.66 23.78
N ALA B 117 -8.61 -9.62 23.59
CA ALA B 117 -9.49 -9.76 24.76
C ALA B 117 -9.20 -11.05 25.51
N MET B 118 -8.91 -12.13 24.78
CA MET B 118 -8.61 -13.42 25.39
C MET B 118 -7.30 -13.42 26.16
N LEU B 119 -6.38 -12.52 25.82
CA LEU B 119 -5.09 -12.42 26.50
C LEU B 119 -5.01 -11.22 27.44
N ALA B 120 -6.12 -10.51 27.63
CA ALA B 120 -6.08 -9.29 28.46
C ALA B 120 -5.55 -9.60 29.86
N SER B 121 -5.95 -10.73 30.44
CA SER B 121 -5.53 -10.98 31.82
C SER B 121 -4.02 -11.20 31.94
N GLU B 122 -3.33 -11.40 30.82
CA GLU B 122 -1.87 -11.47 30.77
C GLU B 122 -1.21 -10.14 30.46
N GLY B 123 -1.96 -9.05 30.43
CA GLY B 123 -1.42 -7.74 30.11
C GLY B 123 -1.36 -7.42 28.63
N VAL B 124 -2.05 -8.18 27.79
CA VAL B 124 -1.96 -8.03 26.33
C VAL B 124 -3.16 -7.20 25.85
N SER B 125 -2.91 -6.21 24.98
CA SER B 125 -3.98 -5.42 24.39
C SER B 125 -3.76 -5.29 22.89
N TYR B 126 -4.84 -4.98 22.20
CA TYR B 126 -4.78 -4.58 20.80
C TYR B 126 -4.21 -3.17 20.70
N VAL B 127 -3.34 -2.94 19.72
CA VAL B 127 -2.78 -1.60 19.48
C VAL B 127 -3.04 -1.23 18.02
N GLU B 128 -3.38 0.04 17.79
CA GLU B 128 -3.79 0.52 16.48
C GLU B 128 -2.58 0.67 15.55
N HIS B 129 -2.84 0.76 14.24
CA HIS B 129 -1.72 0.89 13.28
C HIS B 129 -0.76 2.04 13.57
N PRO B 130 -1.21 3.28 13.84
CA PRO B 130 -0.23 4.35 14.11
C PRO B 130 0.64 4.04 15.30
N THR B 131 0.06 3.36 16.29
CA THR B 131 0.81 2.98 17.48
C THR B 131 1.86 1.92 17.16
N VAL B 132 1.48 0.94 16.33
CA VAL B 132 2.44 -0.08 15.89
C VAL B 132 3.57 0.57 15.13
N ALA B 133 3.25 1.58 14.31
CA ALA B 133 4.24 2.18 13.42
C ALA B 133 5.24 3.02 14.20
N ASP B 134 4.79 3.74 15.23
CA ASP B 134 5.63 4.72 15.90
C ASP B 134 5.94 4.42 17.36
N GLN B 135 5.15 3.58 18.04
CA GLN B 135 5.32 3.40 19.48
C GLN B 135 5.43 1.93 19.88
N LEU B 136 5.80 1.04 18.96
CA LEU B 136 5.82 -0.36 19.36
C LEU B 136 6.86 -0.61 20.46
N ALA B 137 8.03 0.05 20.36
CA ALA B 137 9.09 -0.19 21.34
C ALA B 137 8.59 0.03 22.77
N ILE B 138 7.89 1.14 23.02
CA ILE B 138 7.46 1.39 24.39
C ILE B 138 6.38 0.40 24.81
N HIS B 139 5.50 0.00 23.89
CA HIS B 139 4.44 -0.93 24.28
C HIS B 139 5.03 -2.31 24.63
N LEU B 140 6.06 -2.74 23.92
CA LEU B 140 6.67 -4.02 24.27
C LEU B 140 7.60 -3.91 25.45
N SER B 141 7.89 -2.68 25.90
CA SER B 141 8.55 -2.51 27.17
CA SER B 141 8.55 -2.49 27.18
C SER B 141 7.57 -2.63 28.32
N ALA B 142 6.31 -2.22 28.10
CA ALA B 142 5.30 -2.27 29.15
C ALA B 142 4.78 -3.69 29.38
N THR B 143 4.73 -4.49 28.32
CA THR B 143 4.09 -5.79 28.38
C THR B 143 4.80 -6.73 27.43
N ARG B 144 4.55 -8.04 27.60
CA ARG B 144 5.30 -9.05 26.86
CA ARG B 144 5.30 -9.04 26.85
C ARG B 144 4.84 -9.20 25.41
N ALA B 145 3.54 -8.95 25.13
CA ALA B 145 3.04 -9.08 23.77
C ALA B 145 1.97 -8.05 23.51
N VAL B 146 1.82 -7.65 22.25
CA VAL B 146 0.65 -6.87 21.84
C VAL B 146 0.08 -7.49 20.59
N VAL B 147 -1.18 -7.17 20.33
CA VAL B 147 -1.88 -7.66 19.15
C VAL B 147 -2.17 -6.47 18.26
N GLY B 148 -2.02 -6.65 16.95
CA GLY B 148 -2.45 -5.64 15.99
C GLY B 148 -3.02 -6.29 14.75
N SER B 149 -3.50 -5.46 13.83
CA SER B 149 -4.00 -5.94 12.55
C SER B 149 -2.83 -6.27 11.63
N ALA B 150 -2.91 -7.43 10.98
CA ALA B 150 -1.85 -7.79 10.03
C ALA B 150 -1.97 -7.04 8.71
N PHE B 151 -3.15 -6.52 8.39
CA PHE B 151 -3.28 -5.77 7.14
C PHE B 151 -2.46 -4.49 7.21
N PRO B 152 -1.84 -4.08 6.11
CA PRO B 152 -1.17 -2.79 6.08
C PRO B 152 -2.18 -1.69 5.78
N PRO B 153 -1.93 -0.45 6.22
CA PRO B 153 -2.90 0.64 6.01
C PRO B 153 -2.79 1.27 4.62
N TYR B 154 -2.98 0.46 3.58
CA TYR B 154 -2.93 1.01 2.22
C TYR B 154 -4.21 1.78 1.88
N HIS B 155 -5.34 1.37 2.44
CA HIS B 155 -6.58 2.15 2.40
C HIS B 155 -6.92 2.39 0.93
N HIS B 156 -7.35 3.60 0.55
CA HIS B 156 -7.70 3.83 -0.83
C HIS B 156 -6.49 3.99 -1.73
N HIS B 157 -5.27 3.85 -1.18
CA HIS B 157 -4.05 3.87 -1.98
C HIS B 157 -3.56 2.46 -2.29
N GLU B 158 -4.44 1.47 -2.17
CA GLU B 158 -4.14 0.14 -2.65
C GLU B 158 -3.87 0.18 -4.15
N PHE B 159 -3.02 -0.73 -4.62
CA PHE B 159 -2.62 -0.77 -6.01
C PHE B 159 -3.76 -1.27 -6.89
N PRO B 160 -3.90 -0.73 -8.09
CA PRO B 160 -4.89 -1.25 -9.02
C PRO B 160 -4.36 -2.49 -9.73
N GLY B 161 -5.25 -3.15 -10.46
CA GLY B 161 -4.89 -4.31 -11.25
C GLY B 161 -5.86 -5.44 -11.00
N SER B 162 -5.77 -6.03 -9.82
CA SER B 162 -6.77 -7.00 -9.39
C SER B 162 -7.92 -6.26 -8.72
N ARG B 163 -9.13 -6.83 -8.83
CA ARG B 163 -10.24 -6.31 -8.06
C ARG B 163 -10.20 -6.77 -6.61
N ILE B 164 -9.28 -7.67 -6.27
CA ILE B 164 -9.09 -8.12 -4.88
C ILE B 164 -7.87 -7.43 -4.31
N PRO B 165 -7.97 -6.78 -3.15
CA PRO B 165 -6.80 -6.08 -2.56
C PRO B 165 -5.59 -7.00 -2.47
N PRO B 166 -4.47 -6.63 -3.10
CA PRO B 166 -3.29 -7.51 -3.09
C PRO B 166 -2.49 -7.50 -1.79
N HIS B 167 -2.39 -6.36 -1.11
CA HIS B 167 -1.52 -6.26 0.08
C HIS B 167 -2.35 -6.62 1.31
N ARG B 168 -2.40 -7.92 1.63
CA ARG B 168 -3.29 -8.39 2.68
C ARG B 168 -2.48 -8.72 3.95
N ALA B 169 -2.96 -9.70 4.72
CA ALA B 169 -2.45 -9.89 6.08
C ALA B 169 -1.04 -10.46 6.08
N ASP B 170 -0.77 -11.50 5.28
CA ASP B 170 0.61 -11.99 5.20
C ASP B 170 1.56 -10.89 4.76
N THR B 171 1.14 -10.11 3.76
CA THR B 171 2.01 -9.09 3.20
C THR B 171 2.29 -8.00 4.22
N GLY B 172 1.25 -7.51 4.90
CA GLY B 172 1.48 -6.49 5.90
C GLY B 172 2.37 -6.97 7.04
N ALA B 173 2.13 -8.19 7.51
CA ALA B 173 2.94 -8.75 8.60
C ALA B 173 4.40 -8.85 8.20
N PHE B 174 4.66 -9.27 6.95
CA PHE B 174 6.06 -9.38 6.54
C PHE B 174 6.71 -8.01 6.38
N LEU B 175 5.98 -7.05 5.78
CA LEU B 175 6.56 -5.71 5.62
C LEU B 175 6.99 -5.16 6.97
N LEU B 176 6.13 -5.32 7.97
CA LEU B 176 6.44 -4.87 9.32
C LEU B 176 7.63 -5.61 9.91
N ALA B 177 7.59 -6.96 9.88
CA ALA B 177 8.68 -7.74 10.45
C ALA B 177 10.01 -7.40 9.81
N ASP B 178 10.03 -7.22 8.49
CA ASP B 178 11.30 -6.94 7.84
C ASP B 178 11.75 -5.49 8.08
N ALA B 179 10.80 -4.55 8.10
CA ALA B 179 11.13 -3.16 8.41
C ALA B 179 11.72 -3.04 9.80
N PHE B 180 11.13 -3.75 10.78
CA PHE B 180 11.69 -3.77 12.12
C PHE B 180 12.99 -4.55 12.19
N GLY B 181 13.29 -5.40 11.21
CA GLY B 181 14.46 -6.26 11.35
C GLY B 181 14.25 -7.28 12.43
N ALA B 182 13.02 -7.75 12.60
CA ALA B 182 12.66 -8.68 13.66
C ALA B 182 13.41 -9.99 13.50
N ALA B 183 13.50 -10.73 14.61
CA ALA B 183 14.17 -12.03 14.60
C ALA B 183 13.42 -13.05 13.77
N GLY B 184 12.14 -12.86 13.52
CA GLY B 184 11.46 -13.80 12.65
C GLY B 184 10.04 -13.39 12.42
N LEU B 185 9.42 -14.05 11.46
CA LEU B 185 7.99 -13.94 11.22
C LEU B 185 7.49 -15.36 11.03
N THR B 186 6.49 -15.73 11.81
CA THR B 186 5.90 -17.06 11.73
C THR B 186 4.44 -16.89 11.37
N ILE B 187 4.00 -17.61 10.35
CA ILE B 187 2.66 -17.51 9.80
C ILE B 187 1.89 -18.73 10.26
N VAL B 188 0.80 -18.50 10.98
CA VAL B 188 0.05 -19.56 11.66
C VAL B 188 -1.21 -19.80 10.85
N GLU B 189 -1.30 -20.99 10.24
CA GLU B 189 -2.27 -21.33 9.20
C GLU B 189 -3.22 -22.39 9.73
N ASN B 190 -4.27 -22.67 8.95
CA ASN B 190 -5.18 -23.78 9.22
C ASN B 190 -4.82 -25.04 8.44
N VAL B 191 -3.61 -25.09 7.86
CA VAL B 191 -3.08 -26.25 7.18
C VAL B 191 -1.61 -26.39 7.56
N ASP B 192 -1.02 -27.55 7.21
CA ASP B 192 0.36 -27.85 7.61
C ASP B 192 1.39 -26.92 6.99
N GLY B 193 1.05 -26.26 5.90
CA GLY B 193 2.02 -25.46 5.15
C GLY B 193 1.53 -25.29 3.72
N ILE B 194 2.49 -25.10 2.82
CA ILE B 194 2.19 -24.94 1.40
C ILE B 194 2.23 -26.31 0.74
N TYR B 195 1.23 -26.59 -0.10
CA TYR B 195 1.18 -27.78 -0.93
C TYR B 195 1.29 -27.36 -2.40
N THR B 196 1.48 -28.37 -3.26
CA THR B 196 1.52 -28.14 -4.70
C THR B 196 0.14 -27.86 -5.28
N ALA B 197 -0.92 -28.03 -4.50
CA ALA B 197 -2.28 -27.72 -4.90
C ALA B 197 -3.04 -27.41 -3.62
N ASP B 198 -4.24 -26.87 -3.78
CA ASP B 198 -5.04 -26.55 -2.60
C ASP B 198 -5.43 -27.84 -1.89
N PRO B 199 -4.94 -28.13 -0.68
CA PRO B 199 -5.28 -29.42 -0.05
C PRO B 199 -6.72 -29.50 0.43
N ASN B 200 -7.50 -28.43 0.32
CA ASN B 200 -8.94 -28.49 0.53
C ASN B 200 -9.71 -28.20 -0.75
N GLY B 201 -9.05 -28.28 -1.90
CA GLY B 201 -9.67 -27.87 -3.14
C GLY B 201 -9.98 -29.02 -4.08
N PRO B 202 -10.39 -28.70 -5.31
CA PRO B 202 -10.77 -29.74 -6.27
C PRO B 202 -9.63 -30.69 -6.65
N ASP B 203 -8.38 -30.22 -6.61
CA ASP B 203 -7.24 -31.06 -6.95
C ASP B 203 -6.52 -31.58 -5.70
N ARG B 204 -7.24 -31.60 -4.57
CA ARG B 204 -6.71 -32.07 -3.28
C ARG B 204 -5.92 -33.37 -3.40
N GLY B 205 -6.34 -34.28 -4.28
CA GLY B 205 -5.73 -35.59 -4.35
C GLY B 205 -4.28 -35.60 -4.78
N GLN B 206 -3.87 -34.63 -5.60
CA GLN B 206 -2.50 -34.51 -6.08
C GLN B 206 -1.71 -33.45 -5.33
N ALA B 207 -2.22 -32.98 -4.20
CA ALA B 207 -1.55 -31.95 -3.42
C ALA B 207 -0.42 -32.58 -2.61
N ARG B 208 0.81 -32.19 -2.88
CA ARG B 208 1.99 -32.69 -2.18
C ARG B 208 2.54 -31.61 -1.26
N PHE B 209 2.85 -32.00 -0.03
CA PHE B 209 3.35 -31.04 0.94
C PHE B 209 4.76 -30.58 0.58
N LEU B 210 5.02 -29.28 0.76
CA LEU B 210 6.33 -28.71 0.47
C LEU B 210 7.02 -28.33 1.78
N PRO B 211 7.95 -29.13 2.28
CA PRO B 211 8.61 -28.76 3.54
C PRO B 211 9.40 -27.47 3.42
N GLU B 212 9.96 -27.19 2.25
CA GLU B 212 10.79 -26.01 2.09
C GLU B 212 10.65 -25.49 0.67
N THR B 213 10.68 -24.18 0.54
CA THR B 213 10.58 -23.58 -0.77
C THR B 213 11.22 -22.20 -0.72
N SER B 214 11.43 -21.63 -1.88
CA SER B 214 11.91 -20.27 -2.02
C SER B 214 10.76 -19.43 -2.54
N ALA B 215 10.78 -18.16 -2.16
CA ALA B 215 9.76 -17.24 -2.65
C ALA B 215 9.81 -17.12 -4.16
N THR B 216 11.02 -17.11 -4.74
CA THR B 216 11.13 -16.98 -6.19
C THR B 216 10.50 -18.18 -6.90
N ASP B 217 10.67 -19.38 -6.34
CA ASP B 217 10.04 -20.55 -6.96
C ASP B 217 8.52 -20.47 -6.86
N LEU B 218 8.01 -20.11 -5.69
CA LEU B 218 6.57 -19.93 -5.53
C LEU B 218 6.02 -18.88 -6.48
N ALA B 219 6.75 -17.76 -6.66
CA ALA B 219 6.27 -16.71 -7.54
C ALA B 219 6.17 -17.18 -8.97
N LYS B 220 6.99 -18.17 -9.36
CA LYS B 220 6.93 -18.71 -10.72
C LYS B 220 5.77 -19.66 -10.90
N SER B 221 5.29 -20.28 -9.82
CA SER B 221 4.19 -21.21 -9.92
C SER B 221 2.89 -20.46 -10.12
N GLU B 222 2.01 -21.03 -10.93
CA GLU B 222 0.63 -20.59 -10.99
C GLU B 222 -0.21 -21.49 -10.11
N GLY B 223 -1.35 -20.98 -9.68
CA GLY B 223 -2.22 -21.72 -8.81
C GLY B 223 -2.27 -21.11 -7.43
N PRO B 224 -3.22 -21.56 -6.63
CA PRO B 224 -3.44 -20.94 -5.32
C PRO B 224 -2.31 -21.27 -4.34
N LEU B 225 -2.15 -20.39 -3.36
CA LEU B 225 -1.23 -20.55 -2.25
C LEU B 225 -1.97 -20.23 -0.98
N PRO B 226 -1.47 -20.66 0.18
CA PRO B 226 -2.04 -20.20 1.45
C PRO B 226 -1.51 -18.84 1.88
N VAL B 227 -0.66 -18.19 1.07
CA VAL B 227 -0.11 -16.88 1.42
C VAL B 227 -0.32 -15.95 0.24
N ASP B 228 -0.40 -14.64 0.53
CA ASP B 228 -0.62 -13.65 -0.52
C ASP B 228 0.46 -13.77 -1.58
N ARG B 229 0.07 -13.61 -2.84
CA ARG B 229 1.10 -13.49 -3.87
C ARG B 229 2.00 -12.29 -3.61
N ALA B 230 1.45 -11.20 -3.07
CA ALA B 230 2.27 -10.03 -2.82
C ALA B 230 3.33 -10.28 -1.73
N LEU B 231 3.11 -11.29 -0.88
CA LEU B 231 4.14 -11.64 0.10
C LEU B 231 5.43 -12.03 -0.60
N LEU B 232 5.33 -12.77 -1.72
CA LEU B 232 6.54 -13.17 -2.46
C LEU B 232 7.24 -11.97 -3.07
N ASP B 233 6.48 -10.95 -3.46
CA ASP B 233 7.08 -9.74 -4.01
C ASP B 233 7.84 -8.96 -2.94
N VAL B 234 7.23 -8.78 -1.77
CA VAL B 234 7.94 -8.03 -0.74
C VAL B 234 9.10 -8.84 -0.17
N MET B 235 9.04 -10.18 -0.26
CA MET B 235 10.21 -10.99 0.10
C MET B 235 11.39 -10.73 -0.82
N ALA B 236 11.11 -10.38 -2.09
CA ALA B 236 12.21 -10.18 -3.04
C ALA B 236 13.00 -8.91 -2.72
N THR B 237 12.34 -7.90 -2.14
CA THR B 237 13.00 -6.66 -1.77
C THR B 237 13.33 -6.61 -0.27
N ALA B 238 13.14 -7.72 0.44
CA ALA B 238 13.38 -7.74 1.89
C ALA B 238 14.85 -7.48 2.21
N ARG B 239 15.10 -6.96 3.41
CA ARG B 239 16.46 -6.63 3.82
C ARG B 239 16.97 -7.47 4.99
N HIS B 240 16.10 -8.14 5.73
CA HIS B 240 16.56 -8.81 6.95
C HIS B 240 16.05 -10.25 7.09
N ILE B 241 14.73 -10.45 6.95
CA ILE B 241 14.14 -11.76 7.21
C ILE B 241 14.54 -12.73 6.11
N GLU B 242 15.24 -13.81 6.48
CA GLU B 242 15.73 -14.78 5.51
C GLU B 242 14.79 -15.95 5.29
N ARG B 243 13.94 -16.26 6.28
CA ARG B 243 13.06 -17.42 6.26
C ARG B 243 11.79 -17.05 6.98
N VAL B 244 10.66 -17.51 6.46
CA VAL B 244 9.36 -17.40 7.11
C VAL B 244 8.76 -18.79 7.14
N GLN B 245 8.34 -19.27 8.30
CA GLN B 245 7.75 -20.60 8.37
C GLN B 245 6.23 -20.49 8.47
N VAL B 246 5.54 -21.29 7.66
CA VAL B 246 4.09 -21.42 7.72
C VAL B 246 3.80 -22.71 8.47
N VAL B 247 3.09 -22.62 9.59
CA VAL B 247 2.84 -23.79 10.43
C VAL B 247 1.36 -23.88 10.74
N ASN B 248 0.94 -25.07 11.12
CA ASN B 248 -0.46 -25.35 11.39
C ASN B 248 -0.79 -24.96 12.82
N GLY B 249 -1.48 -23.84 12.98
CA GLY B 249 -1.91 -23.42 14.30
C GLY B 249 -2.97 -24.29 14.92
N LEU B 250 -3.54 -25.23 14.16
CA LEU B 250 -4.51 -26.15 14.72
C LEU B 250 -3.85 -27.32 15.43
N VAL B 251 -2.53 -27.43 15.36
CA VAL B 251 -1.80 -28.47 16.07
C VAL B 251 -1.04 -27.81 17.21
N PRO B 252 -1.45 -28.01 18.46
CA PRO B 252 -0.75 -27.38 19.59
C PRO B 252 0.72 -27.75 19.60
N GLY B 253 1.56 -26.76 19.83
CA GLY B 253 2.98 -26.96 19.94
C GLY B 253 3.75 -26.59 18.69
N ARG B 254 3.08 -26.48 17.53
CA ARG B 254 3.84 -26.15 16.33
C ARG B 254 4.30 -24.71 16.34
N LEU B 255 3.46 -23.79 16.82
CA LEU B 255 3.89 -22.40 16.94
C LEU B 255 5.08 -22.29 17.90
N THR B 256 5.00 -22.96 19.05
CA THR B 256 6.11 -22.94 20.00
C THR B 256 7.39 -23.48 19.38
N ALA B 257 7.29 -24.61 18.67
CA ALA B 257 8.46 -25.18 18.00
C ALA B 257 8.99 -24.23 16.94
N ALA B 258 8.11 -23.64 16.14
CA ALA B 258 8.53 -22.75 15.06
C ALA B 258 9.26 -21.53 15.59
N LEU B 259 8.81 -21.00 16.73
CA LEU B 259 9.50 -19.84 17.30
C LEU B 259 10.88 -20.17 17.84
N ARG B 260 11.20 -21.45 18.04
CA ARG B 260 12.54 -21.90 18.36
C ARG B 260 13.29 -22.36 17.13
N GLY B 261 12.74 -22.13 15.93
CA GLY B 261 13.41 -22.50 14.70
C GLY B 261 13.28 -23.96 14.31
N GLU B 262 12.49 -24.75 15.02
CA GLU B 262 12.30 -26.13 14.63
C GLU B 262 11.42 -26.20 13.40
N HIS B 263 11.69 -27.19 12.54
CA HIS B 263 11.05 -27.30 11.23
C HIS B 263 9.80 -28.16 11.37
N VAL B 264 8.64 -27.52 11.46
CA VAL B 264 7.37 -28.22 11.64
C VAL B 264 6.33 -27.83 10.62
N GLY B 265 6.66 -26.95 9.68
CA GLY B 265 5.75 -26.59 8.60
C GLY B 265 6.52 -26.36 7.33
N THR B 266 6.10 -25.38 6.54
CA THR B 266 6.79 -25.01 5.31
C THR B 266 7.70 -23.81 5.58
N LEU B 267 8.98 -23.97 5.27
CA LEU B 267 9.92 -22.85 5.32
C LEU B 267 9.95 -22.15 3.97
N ILE B 268 9.79 -20.83 3.97
CA ILE B 268 9.93 -20.02 2.77
C ILE B 268 11.24 -19.24 2.86
N ARG B 269 12.17 -19.52 1.96
CA ARG B 269 13.39 -18.72 1.86
C ARG B 269 13.09 -17.45 1.07
N THR B 270 13.39 -16.31 1.68
CA THR B 270 13.11 -15.03 1.04
C THR B 270 14.16 -14.62 0.04
N GLY B 271 15.35 -15.22 0.07
CA GLY B 271 16.42 -14.71 -0.75
C GLY B 271 17.23 -13.56 -0.15
N VAL B 272 16.89 -13.08 1.05
CA VAL B 272 17.86 -12.30 1.82
C VAL B 272 19.06 -13.19 2.15
N ARG B 273 20.27 -12.63 2.04
CA ARG B 273 21.38 -13.42 2.58
C ARG B 273 22.12 -12.65 3.68
N PRO B 274 22.76 -13.34 4.63
CA PRO B 274 23.38 -12.64 5.77
C PRO B 274 24.47 -11.67 5.34
N ALA B 275 24.74 -10.70 6.22
CA ALA B 275 25.68 -9.64 5.93
C ALA B 275 27.09 -10.19 5.70
#